data_9F6O
#
_entry.id   9F6O
#
_cell.length_a   1.00
_cell.length_b   1.00
_cell.length_c   1.00
_cell.angle_alpha   90.00
_cell.angle_beta   90.00
_cell.angle_gamma   90.00
#
_symmetry.space_group_name_H-M   'P 1'
#
loop_
_entity.id
_entity.type
_entity.pdbx_description
1 polymer 'Natural resistance-associated macrophage protein 2'
2 polymer 'Sybody 1'
#
loop_
_entity_poly.entity_id
_entity_poly.type
_entity_poly.pdbx_seq_one_letter_code
_entity_poly.pdbx_strand_id
1 'polypeptide(L)'
;MSRKKQLKTEAAPHCELKSYSKNSATQVSTMVLGPEQKMSDDSVSGDHGESASLGNINPAYSNPSLSQSPGDSEEYFATY
FNEKISIPEEEYSCFSFRKLWAFTGPGFLMSIAYLDPGNIESDLQSGAVAGFKLLWILLLATLVGLLLQRLAARLGVVTG
LHLAEVCHRQYPKVPRVILWLMVELAIIGSDMQEVIGSAIAINLLSVGRIPLWGGVLITIADTFVFLFLDKYGLRKLEAF
FGFLITIMALTFGYEYVTVKPSQSQVLKGMFVPSCSGCRTPQIEQAVGIVGAVIMPHNMYLHSALVKSRQVNRNNKQEVR
EANKYFFIESCIALFVSFIINVFVVSVFAEAFFGKTNEQVVEVCTNTSSPHAGLFPKDNSTLAVDIYKGGVVLGCYFGPA
ALYIWAVGILAAGQSSTMTGTYSGQFVMEGFLNLKWSRFARVVLTRSIAIIPTLLVAVFQDVEHLTGMNDFLNVLQSLQL
PFALIPILTFTSLRPVMSDFANGLGWRIAGGILVLIICSINMYFVVVYVRDLGHVALYVVAAVVSVAYLGFVFYLGWQCL
IALGMSFLDCGHTVSISKGLLTEEATRGYVKALEVLFQGPQGTEQKLISEEDLRGASMDEKTTGWRGGHVVEGLAGELEQ
LRARLEHHPQGQREP
;
A
2 'polypeptide(L)'
;QVQLVESGGGLVQAGGSLRLSCAASGFPVSRSEMYWYRQAPGKEREWVAAIHSIGWNTRYADSVKGRFTISRDNAKNTVY
LQMNSLKPEDTAVYYCNVKDAGWFWTNYDYWGQGTQVTVSAGRAGEQKLISEEDLNSAVDHHHHHH
;
B
#
# COMPACT_ATOMS: atom_id res chain seq x y z
N SER A 93 -19.36 13.35 32.65
CA SER A 93 -18.59 12.12 32.60
C SER A 93 -17.48 12.21 31.55
N CYS A 94 -16.23 12.04 31.99
CA CYS A 94 -15.11 12.09 31.05
C CYS A 94 -15.15 10.93 30.07
N PHE A 95 -15.39 9.73 30.57
CA PHE A 95 -15.42 8.53 29.74
C PHE A 95 -16.15 7.43 30.48
N SER A 96 -16.85 6.59 29.74
CA SER A 96 -17.59 5.48 30.33
C SER A 96 -17.66 4.32 29.35
N PHE A 97 -17.31 3.12 29.82
CA PHE A 97 -17.46 1.93 28.99
C PHE A 97 -18.92 1.67 28.65
N ARG A 98 -19.84 2.06 29.52
CA ARG A 98 -21.26 1.87 29.26
C ARG A 98 -21.69 2.67 28.03
N LYS A 99 -21.24 3.92 27.93
CA LYS A 99 -21.57 4.71 26.75
C LYS A 99 -20.87 4.18 25.51
N LEU A 100 -19.67 3.65 25.67
CA LEU A 100 -19.02 3.09 24.52
C LEU A 100 -19.89 1.98 24.00
N TRP A 101 -20.17 1.01 24.83
CA TRP A 101 -20.90 -0.16 24.37
C TRP A 101 -22.24 0.24 23.74
N ALA A 102 -22.92 1.21 24.32
CA ALA A 102 -24.21 1.63 23.79
C ALA A 102 -24.08 2.34 22.44
N PHE A 103 -22.91 2.85 22.11
CA PHE A 103 -22.67 3.57 20.86
C PHE A 103 -21.62 2.88 20.00
N THR A 104 -21.66 1.56 19.96
CA THR A 104 -20.74 0.87 19.11
C THR A 104 -21.42 0.31 17.90
N GLY A 105 -20.67 -0.26 16.99
CA GLY A 105 -21.21 -0.89 15.82
C GLY A 105 -20.68 -0.36 14.50
N PRO A 106 -20.53 0.96 14.38
CA PRO A 106 -19.85 1.49 13.19
C PRO A 106 -18.40 1.04 13.07
N GLY A 107 -17.71 0.83 14.19
CA GLY A 107 -16.33 0.39 14.14
C GLY A 107 -16.17 -1.01 13.57
N PHE A 108 -17.15 -1.89 13.82
CA PHE A 108 -17.05 -3.26 13.33
C PHE A 108 -16.95 -3.30 11.81
N LEU A 109 -17.83 -2.56 11.12
CA LEU A 109 -17.79 -2.54 9.67
C LEU A 109 -16.60 -1.73 9.17
N MET A 110 -16.25 -0.66 9.88
CA MET A 110 -15.13 0.18 9.47
C MET A 110 -13.81 -0.59 9.51
N SER A 111 -13.64 -1.44 10.52
CA SER A 111 -12.39 -2.19 10.66
C SER A 111 -12.14 -3.08 9.46
N ILE A 112 -13.12 -3.91 9.11
CA ILE A 112 -12.95 -4.82 7.98
C ILE A 112 -12.88 -4.07 6.66
N ALA A 113 -13.36 -2.84 6.61
CA ALA A 113 -13.28 -2.05 5.39
C ALA A 113 -11.85 -1.58 5.09
N TYR A 114 -10.93 -1.76 6.03
CA TYR A 114 -9.56 -1.30 5.88
C TYR A 114 -8.59 -2.41 5.56
N LEU A 115 -9.08 -3.61 5.23
CA LEU A 115 -8.24 -4.77 4.97
C LEU A 115 -8.70 -5.51 3.72
N ASP A 116 -8.96 -4.77 2.65
CA ASP A 116 -9.28 -5.42 1.39
C ASP A 116 -8.02 -6.10 0.85
N PRO A 117 -8.19 -7.09 -0.04
CA PRO A 117 -7.01 -7.76 -0.62
C PRO A 117 -6.06 -6.80 -1.31
N GLY A 118 -6.54 -5.64 -1.77
CA GLY A 118 -5.63 -4.63 -2.28
C GLY A 118 -4.67 -4.14 -1.22
N ASN A 119 -5.17 -3.89 -0.01
CA ASN A 119 -4.30 -3.44 1.07
C ASN A 119 -3.30 -4.52 1.46
N ILE A 120 -3.74 -5.77 1.52
CA ILE A 120 -2.82 -6.85 1.85
C ILE A 120 -1.73 -6.95 0.80
N GLU A 121 -2.10 -6.85 -0.47
CA GLU A 121 -1.10 -6.83 -1.53
C GLU A 121 -0.21 -5.60 -1.42
N SER A 122 -0.79 -4.44 -1.08
CA SER A 122 0.01 -3.24 -0.90
C SER A 122 1.01 -3.41 0.24
N ASP A 123 0.56 -3.95 1.37
CA ASP A 123 1.48 -4.26 2.45
C ASP A 123 2.43 -5.39 2.07
N LEU A 124 1.99 -6.27 1.17
CA LEU A 124 2.86 -7.35 0.70
C LEU A 124 4.07 -6.79 -0.02
N GLN A 125 3.87 -5.76 -0.84
CA GLN A 125 4.96 -5.24 -1.66
C GLN A 125 6.11 -4.72 -0.80
N SER A 126 5.80 -4.00 0.27
CA SER A 126 6.85 -3.49 1.15
C SER A 126 7.60 -4.61 1.84
N GLY A 127 7.02 -5.81 1.93
CA GLY A 127 7.69 -6.91 2.59
C GLY A 127 8.90 -7.43 1.84
N ALA A 128 8.91 -7.29 0.52
CA ALA A 128 10.00 -7.79 -0.29
C ALA A 128 10.64 -6.76 -1.20
N VAL A 129 10.07 -5.56 -1.30
CA VAL A 129 10.66 -4.50 -2.09
C VAL A 129 11.44 -3.51 -1.24
N ALA A 130 10.88 -3.11 -0.10
CA ALA A 130 11.52 -2.13 0.77
C ALA A 130 11.77 -2.62 2.19
N GLY A 131 11.30 -3.82 2.54
CA GLY A 131 11.54 -4.33 3.88
C GLY A 131 10.84 -3.50 4.94
N PHE A 132 11.48 -3.39 6.10
CA PHE A 132 10.91 -2.64 7.22
C PHE A 132 11.05 -1.14 7.06
N LYS A 133 11.89 -0.67 6.16
CA LYS A 133 12.12 0.76 6.08
C LYS A 133 10.88 1.52 5.71
N LEU A 134 10.10 0.96 4.80
CA LEU A 134 8.92 1.65 4.32
C LEU A 134 7.68 1.31 5.13
N LEU A 135 7.85 1.08 6.43
CA LEU A 135 6.72 0.75 7.30
C LEU A 135 6.11 1.99 7.94
N TRP A 136 6.91 3.02 8.21
CA TRP A 136 6.40 4.22 8.85
C TRP A 136 5.30 4.88 8.03
N ILE A 137 5.37 4.77 6.70
CA ILE A 137 4.34 5.38 5.86
C ILE A 137 2.99 4.72 6.11
N LEU A 138 2.99 3.44 6.51
CA LEU A 138 1.73 2.78 6.84
C LEU A 138 1.06 3.45 8.03
N LEU A 139 1.84 3.77 9.07
CA LEU A 139 1.28 4.47 10.22
C LEU A 139 0.81 5.87 9.84
N LEU A 140 1.59 6.57 9.01
CA LEU A 140 1.18 7.89 8.56
C LEU A 140 -0.11 7.82 7.75
N ALA A 141 -0.23 6.81 6.88
CA ALA A 141 -1.45 6.66 6.10
C ALA A 141 -2.65 6.36 6.99
N THR A 142 -2.48 5.47 7.98
CA THR A 142 -3.56 5.17 8.89
C THR A 142 -3.92 6.39 9.74
N LEU A 143 -2.91 7.11 10.23
CA LEU A 143 -3.18 8.27 11.07
C LEU A 143 -3.95 9.35 10.31
N VAL A 144 -3.56 9.61 9.06
CA VAL A 144 -4.32 10.55 8.24
C VAL A 144 -5.71 10.00 7.96
N GLY A 145 -5.81 8.72 7.66
CA GLY A 145 -7.11 8.12 7.43
C GLY A 145 -8.03 8.22 8.63
N LEU A 146 -7.47 8.02 9.84
CA LEU A 146 -8.26 8.19 11.04
C LEU A 146 -8.70 9.64 11.21
N LEU A 147 -7.81 10.59 10.92
CA LEU A 147 -8.19 12.00 10.99
C LEU A 147 -9.27 12.33 9.99
N LEU A 148 -9.29 11.64 8.84
CA LEU A 148 -10.39 11.80 7.90
C LEU A 148 -11.65 11.11 8.39
N GLN A 149 -11.52 10.00 9.13
CA GLN A 149 -12.69 9.33 9.67
C GLN A 149 -13.43 10.22 10.65
N ARG A 150 -12.70 10.92 11.51
CA ARG A 150 -13.34 11.80 12.49
C ARG A 150 -14.13 12.91 11.79
N LEU A 151 -13.66 13.37 10.63
CA LEU A 151 -14.43 14.34 9.86
C LEU A 151 -15.69 13.72 9.28
N ALA A 152 -15.60 12.46 8.83
CA ALA A 152 -16.79 11.77 8.36
C ALA A 152 -17.80 11.59 9.49
N ALA A 153 -17.32 11.23 10.68
CA ALA A 153 -18.21 11.11 11.84
C ALA A 153 -18.79 12.47 12.23
N ARG A 154 -17.98 13.52 12.15
CA ARG A 154 -18.48 14.86 12.44
C ARG A 154 -19.60 15.26 11.49
N LEU A 155 -19.37 15.09 10.18
CA LEU A 155 -20.39 15.45 9.20
C LEU A 155 -21.62 14.56 9.34
N GLY A 156 -21.42 13.26 9.61
CA GLY A 156 -22.55 12.35 9.72
C GLY A 156 -23.46 12.65 10.89
N VAL A 157 -22.90 13.15 11.99
CA VAL A 157 -23.68 13.29 13.23
C VAL A 157 -24.16 14.73 13.39
N VAL A 158 -23.45 15.69 12.81
CA VAL A 158 -23.87 17.09 12.92
C VAL A 158 -25.16 17.31 12.15
N THR A 159 -25.22 16.83 10.91
CA THR A 159 -26.43 16.85 10.10
C THR A 159 -26.84 15.42 9.80
N GLY A 160 -28.16 15.18 9.82
CA GLY A 160 -28.65 13.82 9.63
C GLY A 160 -28.28 13.23 8.29
N LEU A 161 -28.24 14.05 7.26
CA LEU A 161 -27.84 13.58 5.94
C LEU A 161 -26.38 13.14 5.97
N HIS A 162 -26.11 11.98 5.37
CA HIS A 162 -24.73 11.52 5.26
C HIS A 162 -23.98 12.34 4.22
N LEU A 163 -22.71 12.00 4.01
CA LEU A 163 -21.89 12.80 3.11
C LEU A 163 -22.33 12.66 1.66
N ALA A 164 -22.88 11.51 1.29
CA ALA A 164 -23.40 11.35 -0.06
C ALA A 164 -24.63 12.23 -0.28
N GLU A 165 -25.56 12.23 0.68
CA GLU A 165 -26.77 13.04 0.55
C GLU A 165 -26.43 14.53 0.51
N VAL A 166 -25.54 14.98 1.39
CA VAL A 166 -25.16 16.39 1.38
C VAL A 166 -24.37 16.74 0.12
N CYS A 167 -23.78 15.74 -0.54
CA CYS A 167 -23.14 16.00 -1.83
C CYS A 167 -24.18 16.32 -2.89
N HIS A 168 -25.35 15.67 -2.82
CA HIS A 168 -26.41 15.95 -3.77
C HIS A 168 -26.93 17.36 -3.65
N ARG A 169 -26.76 17.99 -2.50
CA ARG A 169 -27.35 19.30 -2.22
C ARG A 169 -26.35 20.44 -2.36
N GLN A 170 -25.10 20.17 -2.71
CA GLN A 170 -24.07 21.21 -2.74
C GLN A 170 -23.54 21.49 -4.13
N TYR A 171 -23.05 20.48 -4.84
CA TYR A 171 -22.42 20.71 -6.14
C TYR A 171 -23.48 20.79 -7.24
N PRO A 172 -23.17 21.47 -8.34
CA PRO A 172 -24.09 21.50 -9.49
C PRO A 172 -24.24 20.11 -10.11
N LYS A 173 -25.20 20.00 -11.03
CA LYS A 173 -25.59 18.70 -11.56
C LYS A 173 -24.45 18.02 -12.30
N VAL A 174 -23.73 18.76 -13.15
CA VAL A 174 -22.65 18.18 -13.93
C VAL A 174 -21.50 17.74 -13.01
N PRO A 175 -20.99 18.57 -12.09
CA PRO A 175 -19.96 18.07 -11.17
C PRO A 175 -20.43 16.91 -10.30
N ARG A 176 -21.71 16.90 -9.92
CA ARG A 176 -22.24 15.83 -9.09
C ARG A 176 -22.15 14.49 -9.80
N VAL A 177 -22.68 14.42 -11.02
CA VAL A 177 -22.74 13.15 -11.73
C VAL A 177 -21.34 12.68 -12.14
N ILE A 178 -20.47 13.62 -12.53
CA ILE A 178 -19.13 13.23 -12.93
C ILE A 178 -18.33 12.76 -11.72
N LEU A 179 -18.55 13.38 -10.56
CA LEU A 179 -17.99 12.84 -9.32
C LEU A 179 -18.62 11.50 -8.98
N TRP A 180 -19.93 11.37 -9.25
CA TRP A 180 -20.64 10.13 -8.96
C TRP A 180 -20.01 8.95 -9.69
N LEU A 181 -19.75 9.11 -10.99
CA LEU A 181 -19.10 8.04 -11.74
C LEU A 181 -17.66 7.83 -11.26
N MET A 182 -16.99 8.89 -10.83
CA MET A 182 -15.60 8.77 -10.41
C MET A 182 -15.47 7.91 -9.17
N VAL A 183 -16.29 8.18 -8.14
CA VAL A 183 -16.22 7.36 -6.94
C VAL A 183 -16.70 5.95 -7.24
N GLU A 184 -17.68 5.79 -8.13
CA GLU A 184 -18.13 4.46 -8.50
C GLU A 184 -16.98 3.62 -9.03
N LEU A 185 -16.13 4.21 -9.87
CA LEU A 185 -15.01 3.48 -10.45
C LEU A 185 -14.13 2.86 -9.37
N ALA A 186 -14.06 3.48 -8.19
CA ALA A 186 -13.35 2.88 -7.08
C ALA A 186 -14.00 1.57 -6.65
N ILE A 187 -15.33 1.53 -6.59
CA ILE A 187 -16.01 0.31 -6.15
C ILE A 187 -15.80 -0.81 -7.15
N ILE A 188 -15.96 -0.52 -8.45
CA ILE A 188 -15.60 -1.51 -9.46
C ILE A 188 -14.12 -1.83 -9.36
N GLY A 189 -13.28 -0.81 -9.14
CA GLY A 189 -11.87 -1.06 -8.91
C GLY A 189 -11.63 -1.89 -7.66
N SER A 190 -12.37 -1.59 -6.59
CA SER A 190 -12.23 -2.37 -5.36
C SER A 190 -12.70 -3.80 -5.56
N ASP A 191 -13.82 -3.99 -6.26
CA ASP A 191 -14.31 -5.34 -6.50
C ASP A 191 -13.43 -6.11 -7.48
N MET A 192 -12.75 -5.40 -8.38
CA MET A 192 -11.91 -6.08 -9.35
C MET A 192 -10.72 -6.75 -8.69
N GLN A 193 -9.97 -6.02 -7.85
CA GLN A 193 -8.82 -6.67 -7.24
C GLN A 193 -9.23 -7.72 -6.20
N GLU A 194 -10.47 -7.64 -5.71
CA GLU A 194 -10.96 -8.66 -4.79
C GLU A 194 -11.12 -10.00 -5.50
N VAL A 195 -11.73 -10.01 -6.69
CA VAL A 195 -11.95 -11.28 -7.37
C VAL A 195 -10.62 -11.90 -7.80
N ILE A 196 -9.63 -11.07 -8.17
CA ILE A 196 -8.29 -11.60 -8.34
C ILE A 196 -7.77 -12.20 -7.03
N GLY A 197 -7.99 -11.48 -5.92
CA GLY A 197 -7.54 -12.00 -4.64
C GLY A 197 -8.22 -13.31 -4.27
N SER A 198 -9.53 -13.38 -4.47
CA SER A 198 -10.26 -14.61 -4.11
C SER A 198 -9.89 -15.75 -5.05
N ALA A 199 -9.77 -15.47 -6.35
CA ALA A 199 -9.43 -16.53 -7.30
C ALA A 199 -8.05 -17.09 -7.02
N ILE A 200 -7.09 -16.23 -6.70
CA ILE A 200 -5.74 -16.70 -6.36
C ILE A 200 -5.80 -17.58 -5.11
N ALA A 201 -6.59 -17.18 -4.11
CA ALA A 201 -6.69 -17.96 -2.89
C ALA A 201 -7.24 -19.36 -3.17
N ILE A 202 -8.23 -19.46 -4.07
CA ILE A 202 -8.74 -20.78 -4.44
C ILE A 202 -7.65 -21.61 -5.10
N ASN A 203 -6.88 -21.01 -6.01
CA ASN A 203 -5.88 -21.77 -6.74
C ASN A 203 -4.80 -22.32 -5.83
N LEU A 204 -4.32 -21.52 -4.88
CA LEU A 204 -3.34 -22.01 -3.92
C LEU A 204 -3.94 -23.10 -3.03
N LEU A 205 -5.16 -22.88 -2.55
CA LEU A 205 -5.80 -23.84 -1.65
C LEU A 205 -6.06 -25.16 -2.36
N SER A 206 -6.37 -25.11 -3.66
CA SER A 206 -6.69 -26.29 -4.45
C SER A 206 -5.46 -26.95 -5.07
N VAL A 207 -4.26 -26.61 -4.60
CA VAL A 207 -2.98 -27.12 -5.11
C VAL A 207 -2.97 -27.12 -6.64
N GLY A 208 -3.66 -26.15 -7.23
CA GLY A 208 -3.73 -26.03 -8.67
C GLY A 208 -4.74 -26.91 -9.36
N ARG A 209 -5.49 -27.73 -8.61
CA ARG A 209 -6.49 -28.59 -9.25
C ARG A 209 -7.63 -27.76 -9.82
N ILE A 210 -8.18 -26.84 -9.03
CA ILE A 210 -9.19 -25.92 -9.53
C ILE A 210 -8.48 -24.83 -10.31
N PRO A 211 -8.83 -24.61 -11.58
CA PRO A 211 -8.07 -23.65 -12.40
C PRO A 211 -8.29 -22.21 -11.99
N LEU A 212 -7.57 -21.29 -12.62
CA LEU A 212 -7.71 -19.87 -12.31
C LEU A 212 -9.12 -19.38 -12.63
N TRP A 213 -9.60 -19.65 -13.84
CA TRP A 213 -10.95 -19.24 -14.20
C TRP A 213 -12.00 -19.91 -13.33
N GLY A 214 -11.68 -21.07 -12.75
CA GLY A 214 -12.55 -21.66 -11.74
C GLY A 214 -12.72 -20.75 -10.53
N GLY A 215 -11.62 -20.14 -10.09
CA GLY A 215 -11.71 -19.19 -8.99
C GLY A 215 -12.52 -17.96 -9.34
N VAL A 216 -12.38 -17.48 -10.58
CA VAL A 216 -13.13 -16.30 -11.00
C VAL A 216 -14.63 -16.60 -11.01
N LEU A 217 -15.01 -17.80 -11.43
CA LEU A 217 -16.43 -18.16 -11.40
C LEU A 217 -16.90 -18.60 -10.03
N ILE A 218 -15.98 -18.83 -9.08
CA ILE A 218 -16.38 -19.30 -7.76
C ILE A 218 -16.94 -18.19 -6.87
N THR A 219 -16.67 -16.94 -7.20
CA THR A 219 -17.20 -15.84 -6.39
C THR A 219 -18.62 -15.47 -6.76
N ILE A 220 -19.20 -16.12 -7.78
CA ILE A 220 -20.62 -15.91 -8.08
C ILE A 220 -21.48 -16.39 -6.92
N ALA A 221 -20.99 -17.38 -6.16
CA ALA A 221 -21.69 -17.81 -4.96
C ALA A 221 -21.82 -16.69 -3.94
N ASP A 222 -20.87 -15.75 -3.95
CA ASP A 222 -21.00 -14.56 -3.11
C ASP A 222 -22.25 -13.77 -3.50
N THR A 223 -22.47 -13.60 -4.81
CA THR A 223 -23.69 -12.96 -5.28
C THR A 223 -24.91 -13.76 -4.86
N PHE A 224 -24.85 -15.08 -4.98
CA PHE A 224 -25.95 -15.93 -4.54
C PHE A 224 -26.22 -15.76 -3.06
N VAL A 225 -25.15 -15.62 -2.26
CA VAL A 225 -25.33 -15.39 -0.83
C VAL A 225 -26.06 -14.08 -0.57
N PHE A 226 -25.65 -13.01 -1.29
CA PHE A 226 -26.26 -11.71 -1.07
C PHE A 226 -27.74 -11.72 -1.42
N LEU A 227 -28.12 -12.46 -2.45
CA LEU A 227 -29.53 -12.62 -2.77
C LEU A 227 -30.27 -13.30 -1.62
N PHE A 228 -29.66 -14.34 -1.04
CA PHE A 228 -30.33 -15.09 0.02
C PHE A 228 -30.52 -14.22 1.27
N LEU A 229 -29.53 -13.38 1.60
CA LEU A 229 -29.70 -12.46 2.71
C LEU A 229 -30.81 -11.45 2.42
N ASP A 230 -30.88 -10.97 1.17
CA ASP A 230 -31.92 -9.99 0.82
C ASP A 230 -33.31 -10.59 0.98
N LYS A 231 -33.49 -11.86 0.59
CA LYS A 231 -34.77 -12.52 0.80
C LYS A 231 -35.09 -12.63 2.27
N TYR A 232 -34.10 -13.00 3.09
CA TYR A 232 -34.32 -13.11 4.53
C TYR A 232 -34.34 -11.75 5.21
N GLY A 233 -33.49 -10.82 4.77
CA GLY A 233 -33.46 -9.50 5.33
C GLY A 233 -33.02 -9.42 6.78
N LEU A 234 -31.92 -10.10 7.12
CA LEU A 234 -31.37 -10.00 8.47
C LEU A 234 -30.99 -8.56 8.80
N ARG A 235 -30.21 -7.93 7.92
CA ARG A 235 -29.87 -6.52 7.98
C ARG A 235 -29.05 -6.14 9.21
N LYS A 236 -28.52 -7.10 9.96
CA LYS A 236 -27.70 -6.80 11.14
C LYS A 236 -26.22 -7.02 10.87
N LEU A 237 -25.85 -8.24 10.51
CA LEU A 237 -24.52 -8.59 9.97
C LEU A 237 -23.36 -8.23 10.91
N GLU A 238 -23.64 -7.84 12.15
CA GLU A 238 -22.56 -7.43 13.04
C GLU A 238 -21.73 -8.64 13.48
N ALA A 239 -22.36 -9.79 13.66
CA ALA A 239 -21.63 -11.00 14.03
C ALA A 239 -20.74 -11.47 12.89
N PHE A 240 -21.17 -11.26 11.64
CA PHE A 240 -20.33 -11.62 10.50
C PHE A 240 -19.04 -10.82 10.50
N PHE A 241 -19.13 -9.51 10.78
CA PHE A 241 -17.92 -8.69 10.83
C PHE A 241 -17.04 -9.07 12.02
N GLY A 242 -17.65 -9.32 13.18
CA GLY A 242 -16.86 -9.70 14.34
C GLY A 242 -16.13 -11.00 14.13
N PHE A 243 -16.82 -12.00 13.59
CA PHE A 243 -16.17 -13.27 13.29
C PHE A 243 -15.10 -13.10 12.22
N LEU A 244 -15.39 -12.31 11.19
CA LEU A 244 -14.44 -12.14 10.09
C LEU A 244 -13.15 -11.49 10.58
N ILE A 245 -13.26 -10.52 11.48
CA ILE A 245 -12.07 -9.95 12.11
C ILE A 245 -11.35 -11.01 12.93
N THR A 246 -12.12 -11.85 13.63
CA THR A 246 -11.52 -12.84 14.52
C THR A 246 -10.66 -13.84 13.74
N ILE A 247 -11.17 -14.34 12.62
CA ILE A 247 -10.38 -15.28 11.83
C ILE A 247 -9.19 -14.58 11.19
N MET A 248 -9.37 -13.33 10.77
CA MET A 248 -8.25 -12.56 10.22
C MET A 248 -7.11 -12.45 11.22
N ALA A 249 -7.43 -12.01 12.44
CA ALA A 249 -6.38 -11.85 13.44
C ALA A 249 -5.74 -13.17 13.80
N LEU A 250 -6.54 -14.22 13.95
CA LEU A 250 -6.00 -15.53 14.30
C LEU A 250 -5.09 -16.07 13.21
N THR A 251 -5.48 -15.90 11.95
CA THR A 251 -4.68 -16.40 10.84
C THR A 251 -3.35 -15.65 10.75
N PHE A 252 -3.39 -14.32 10.75
CA PHE A 252 -2.17 -13.55 10.61
C PHE A 252 -1.35 -13.54 11.88
N GLY A 253 -2.00 -13.67 13.05
CA GLY A 253 -1.24 -13.83 14.29
C GLY A 253 -0.44 -15.11 14.31
N TYR A 254 -1.00 -16.18 13.76
CA TYR A 254 -0.25 -17.42 13.60
C TYR A 254 0.93 -17.23 12.66
N GLU A 255 0.74 -16.42 11.61
CA GLU A 255 1.84 -16.11 10.71
C GLU A 255 2.95 -15.35 11.43
N TYR A 256 2.57 -14.40 12.28
CA TYR A 256 3.57 -13.60 13.00
C TYR A 256 4.37 -14.45 13.97
N VAL A 257 3.70 -15.37 14.68
CA VAL A 257 4.40 -16.25 15.61
C VAL A 257 5.31 -17.20 14.86
N THR A 258 4.83 -17.76 13.74
CA THR A 258 5.65 -18.70 12.98
C THR A 258 6.89 -18.04 12.41
N VAL A 259 6.73 -16.84 11.85
CA VAL A 259 7.88 -16.13 11.29
C VAL A 259 8.83 -15.70 12.38
N LYS A 260 8.29 -15.17 13.48
CA LYS A 260 9.07 -14.63 14.60
C LYS A 260 10.03 -13.56 14.10
N PRO A 261 9.54 -12.42 13.64
CA PRO A 261 10.43 -11.34 13.21
C PRO A 261 11.03 -10.61 14.40
N SER A 262 12.09 -9.88 14.13
CA SER A 262 12.76 -9.12 15.18
C SER A 262 11.92 -7.89 15.53
N GLN A 263 11.51 -7.79 16.79
CA GLN A 263 10.73 -6.65 17.23
C GLN A 263 11.51 -5.35 17.17
N SER A 264 12.84 -5.43 17.21
CA SER A 264 13.64 -4.21 17.11
C SER A 264 13.48 -3.54 15.76
N GLN A 265 13.45 -4.32 14.68
CA GLN A 265 13.38 -3.75 13.35
C GLN A 265 12.03 -3.05 13.11
N VAL A 266 10.94 -3.71 13.50
CA VAL A 266 9.62 -3.15 13.26
C VAL A 266 9.40 -1.90 14.12
N LEU A 267 9.85 -1.94 15.38
CA LEU A 267 9.77 -0.75 16.22
C LEU A 267 10.61 0.38 15.64
N LYS A 268 11.81 0.07 15.16
CA LYS A 268 12.66 1.10 14.58
C LYS A 268 12.11 1.59 13.26
N GLY A 269 11.42 0.73 12.51
CA GLY A 269 10.83 1.14 11.25
C GLY A 269 9.57 1.96 11.42
N MET A 270 8.72 1.59 12.38
CA MET A 270 7.44 2.27 12.54
C MET A 270 7.62 3.66 13.13
N PHE A 271 8.42 3.77 14.19
CA PHE A 271 8.52 5.02 14.95
C PHE A 271 9.62 5.94 14.46
N VAL A 272 10.47 5.51 13.53
CA VAL A 272 11.53 6.37 13.01
C VAL A 272 11.43 6.41 11.49
N PRO A 273 10.75 7.41 10.92
CA PRO A 273 10.67 7.51 9.46
C PRO A 273 12.05 7.65 8.83
N SER A 274 12.38 6.72 7.94
CA SER A 274 13.65 6.76 7.22
C SER A 274 13.45 6.12 5.86
N CYS A 275 13.73 6.89 4.80
CA CYS A 275 13.58 6.39 3.44
C CYS A 275 14.52 7.22 2.56
N SER A 276 15.65 6.63 2.20
CA SER A 276 16.70 7.36 1.50
C SER A 276 17.11 6.60 0.25
N GLY A 277 17.70 7.33 -0.69
CA GLY A 277 18.20 6.74 -1.92
C GLY A 277 17.11 6.10 -2.75
N CYS A 278 16.02 6.83 -2.97
CA CYS A 278 14.88 6.33 -3.72
C CYS A 278 14.62 7.20 -4.94
N ARG A 279 14.12 6.57 -6.00
CA ARG A 279 13.80 7.20 -7.26
C ARG A 279 12.29 7.26 -7.43
N THR A 280 11.84 7.70 -8.60
CA THR A 280 10.41 7.80 -8.88
C THR A 280 9.65 6.50 -8.67
N PRO A 281 10.12 5.32 -9.12
CA PRO A 281 9.36 4.09 -8.85
C PRO A 281 9.17 3.81 -7.37
N GLN A 282 10.15 4.14 -6.53
CA GLN A 282 10.01 3.88 -5.10
C GLN A 282 8.93 4.77 -4.49
N ILE A 283 8.96 6.07 -4.80
CA ILE A 283 7.89 6.94 -4.32
C ILE A 283 6.57 6.57 -4.98
N GLU A 284 6.61 5.97 -6.16
CA GLU A 284 5.39 5.49 -6.78
C GLU A 284 4.76 4.39 -5.95
N GLN A 285 5.58 3.48 -5.43
CA GLN A 285 5.06 2.48 -4.49
C GLN A 285 4.63 3.14 -3.19
N ALA A 286 5.35 4.19 -2.76
CA ALA A 286 5.00 4.88 -1.52
C ALA A 286 3.62 5.51 -1.63
N VAL A 287 3.35 6.23 -2.71
CA VAL A 287 2.02 6.79 -2.91
C VAL A 287 1.00 5.69 -3.15
N GLY A 288 1.43 4.52 -3.61
CA GLY A 288 0.51 3.40 -3.76
C GLY A 288 0.00 2.90 -2.42
N ILE A 289 0.87 2.85 -1.41
CA ILE A 289 0.46 2.37 -0.11
C ILE A 289 -0.53 3.34 0.54
N VAL A 290 -0.21 4.63 0.53
CA VAL A 290 -1.09 5.61 1.16
C VAL A 290 -2.42 5.68 0.43
N GLY A 291 -2.41 5.51 -0.89
CA GLY A 291 -3.67 5.42 -1.63
C GLY A 291 -4.44 4.16 -1.30
N ALA A 292 -3.74 3.04 -1.15
CA ALA A 292 -4.39 1.78 -0.83
C ALA A 292 -4.99 1.79 0.57
N VAL A 293 -4.34 2.49 1.51
CA VAL A 293 -4.85 2.54 2.87
C VAL A 293 -6.14 3.37 2.92
N ILE A 294 -6.06 4.63 2.49
CA ILE A 294 -7.22 5.51 2.51
C ILE A 294 -8.09 5.21 1.30
N MET A 295 -9.01 4.27 1.45
CA MET A 295 -9.94 3.97 0.36
C MET A 295 -10.98 5.08 0.25
N PRO A 296 -11.28 5.52 -0.98
CA PRO A 296 -12.14 6.72 -1.13
C PRO A 296 -13.53 6.57 -0.57
N HIS A 297 -14.11 5.38 -0.61
CA HIS A 297 -15.50 5.20 -0.25
C HIS A 297 -15.71 4.94 1.24
N ASN A 298 -14.64 4.84 2.02
CA ASN A 298 -14.82 4.59 3.45
C ASN A 298 -15.46 5.77 4.15
N MET A 299 -15.32 6.98 3.60
CA MET A 299 -16.01 8.14 4.17
C MET A 299 -17.52 7.96 4.11
N TYR A 300 -18.02 7.43 2.99
CA TYR A 300 -19.46 7.22 2.85
C TYR A 300 -19.98 6.21 3.86
N LEU A 301 -19.22 5.15 4.10
CA LEU A 301 -19.66 4.15 5.08
C LEU A 301 -19.82 4.77 6.46
N HIS A 302 -18.81 5.49 6.93
CA HIS A 302 -18.88 6.05 8.27
C HIS A 302 -19.99 7.08 8.38
N SER A 303 -20.16 7.91 7.35
CA SER A 303 -21.24 8.90 7.37
C SER A 303 -22.60 8.21 7.46
N ALA A 304 -22.81 7.17 6.66
CA ALA A 304 -24.08 6.46 6.70
C ALA A 304 -24.25 5.69 8.00
N LEU A 305 -23.21 5.01 8.46
CA LEU A 305 -23.32 4.23 9.69
C LEU A 305 -23.61 5.12 10.88
N VAL A 306 -22.95 6.29 10.95
CA VAL A 306 -23.23 7.23 12.03
C VAL A 306 -24.65 7.74 11.93
N LYS A 307 -25.12 7.99 10.70
CA LYS A 307 -26.50 8.46 10.51
C LYS A 307 -27.52 7.46 11.04
N SER A 308 -27.19 6.16 11.01
CA SER A 308 -28.12 5.15 11.47
C SER A 308 -28.48 5.35 12.94
N ARG A 309 -27.48 5.67 13.77
CA ARG A 309 -27.75 5.92 15.17
C ARG A 309 -28.58 7.18 15.34
N GLN A 310 -29.50 7.15 16.30
CA GLN A 310 -30.40 8.26 16.55
C GLN A 310 -29.76 9.24 17.53
N VAL A 311 -29.84 10.52 17.21
CA VAL A 311 -29.26 11.57 18.05
C VAL A 311 -29.98 12.88 17.76
N ASN A 312 -30.29 13.61 18.82
CA ASN A 312 -30.93 14.92 18.69
C ASN A 312 -29.95 15.90 18.09
N ARG A 313 -30.23 16.36 16.87
CA ARG A 313 -29.36 17.34 16.22
C ARG A 313 -29.45 18.69 16.91
N ASN A 314 -30.67 19.12 17.26
CA ASN A 314 -30.85 20.46 17.80
C ASN A 314 -30.15 20.62 19.14
N ASN A 315 -30.25 19.62 20.03
CA ASN A 315 -29.62 19.71 21.32
C ASN A 315 -28.11 19.45 21.18
N LYS A 316 -27.31 20.32 21.78
CA LYS A 316 -25.86 20.25 21.62
C LYS A 316 -25.19 19.28 22.58
N GLN A 317 -25.88 18.80 23.61
CA GLN A 317 -25.26 17.87 24.53
C GLN A 317 -25.17 16.47 23.96
N GLU A 318 -26.14 16.07 23.12
CA GLU A 318 -26.12 14.72 22.57
C GLU A 318 -25.09 14.58 21.45
N VAL A 319 -24.96 15.61 20.61
CA VAL A 319 -24.09 15.49 19.45
C VAL A 319 -22.62 15.43 19.86
N ARG A 320 -22.23 16.22 20.87
CA ARG A 320 -20.83 16.23 21.29
C ARG A 320 -20.41 14.88 21.82
N GLU A 321 -21.21 14.28 22.70
CA GLU A 321 -20.89 12.97 23.25
C GLU A 321 -20.90 11.91 22.15
N ALA A 322 -21.91 11.95 21.28
CA ALA A 322 -21.96 10.98 20.19
C ALA A 322 -20.75 11.11 19.27
N ASN A 323 -20.35 12.35 18.97
CA ASN A 323 -19.16 12.57 18.16
C ASN A 323 -17.92 12.02 18.85
N LYS A 324 -17.79 12.25 20.15
CA LYS A 324 -16.60 11.81 20.88
C LYS A 324 -16.51 10.29 20.90
N TYR A 325 -17.62 9.61 21.21
CA TYR A 325 -17.58 8.15 21.32
C TYR A 325 -17.45 7.47 19.96
N PHE A 326 -18.03 8.06 18.92
CA PHE A 326 -17.81 7.53 17.58
C PHE A 326 -16.35 7.68 17.17
N PHE A 327 -15.73 8.82 17.50
CA PHE A 327 -14.32 9.01 17.19
C PHE A 327 -13.45 8.01 17.94
N ILE A 328 -13.75 7.76 19.21
CA ILE A 328 -12.96 6.80 19.98
C ILE A 328 -13.19 5.38 19.46
N GLU A 329 -14.38 5.09 18.94
CA GLU A 329 -14.62 3.79 18.34
C GLU A 329 -13.85 3.64 17.04
N SER A 330 -13.75 4.72 16.26
CA SER A 330 -12.93 4.68 15.05
C SER A 330 -11.46 4.47 15.39
N CYS A 331 -10.99 5.10 16.47
CA CYS A 331 -9.60 4.93 16.87
C CYS A 331 -9.29 3.47 17.21
N ILE A 332 -10.18 2.82 17.95
CA ILE A 332 -9.96 1.41 18.31
C ILE A 332 -10.01 0.54 17.06
N ALA A 333 -11.01 0.75 16.20
CA ALA A 333 -11.14 -0.06 15.00
C ALA A 333 -9.95 0.13 14.06
N LEU A 334 -9.51 1.37 13.89
CA LEU A 334 -8.37 1.62 13.02
C LEU A 334 -7.08 1.05 13.61
N PHE A 335 -6.94 1.09 14.94
CA PHE A 335 -5.76 0.55 15.58
C PHE A 335 -5.67 -0.96 15.34
N VAL A 336 -6.79 -1.67 15.43
CA VAL A 336 -6.78 -3.11 15.21
C VAL A 336 -6.40 -3.42 13.76
N SER A 337 -6.96 -2.68 12.81
CA SER A 337 -6.62 -2.92 11.40
C SER A 337 -5.15 -2.63 11.14
N PHE A 338 -4.63 -1.54 11.70
CA PHE A 338 -3.23 -1.21 11.51
C PHE A 338 -2.31 -2.23 12.17
N ILE A 339 -2.73 -2.79 13.31
CA ILE A 339 -1.95 -3.84 13.95
C ILE A 339 -1.89 -5.07 13.05
N ILE A 340 -3.00 -5.42 12.43
CA ILE A 340 -2.99 -6.55 11.51
C ILE A 340 -2.14 -6.25 10.28
N ASN A 341 -2.21 -5.02 9.79
CA ASN A 341 -1.38 -4.64 8.65
C ASN A 341 0.10 -4.71 8.98
N VAL A 342 0.49 -4.23 10.16
CA VAL A 342 1.89 -4.31 10.56
C VAL A 342 2.30 -5.76 10.78
N PHE A 343 1.34 -6.63 11.11
CA PHE A 343 1.64 -8.05 11.22
C PHE A 343 2.09 -8.62 9.89
N VAL A 344 1.38 -8.27 8.81
CA VAL A 344 1.71 -8.82 7.49
C VAL A 344 3.05 -8.28 7.00
N VAL A 345 3.26 -6.97 7.13
CA VAL A 345 4.49 -6.35 6.65
C VAL A 345 5.70 -6.95 7.37
N SER A 346 5.61 -7.05 8.70
CA SER A 346 6.71 -7.60 9.47
C SER A 346 6.94 -9.08 9.14
N VAL A 347 5.86 -9.82 8.84
CA VAL A 347 6.02 -11.23 8.46
C VAL A 347 6.82 -11.35 7.17
N PHE A 348 6.45 -10.56 6.16
CA PHE A 348 7.04 -10.71 4.84
C PHE A 348 8.37 -9.99 4.69
N ALA A 349 8.69 -9.06 5.59
CA ALA A 349 9.98 -8.38 5.52
C ALA A 349 11.06 -9.10 6.31
N GLU A 350 10.70 -10.00 7.23
CA GLU A 350 11.69 -10.65 8.07
C GLU A 350 12.54 -11.64 7.28
N ALA A 351 11.88 -12.49 6.49
CA ALA A 351 12.57 -13.60 5.84
C ALA A 351 12.58 -13.53 4.32
N PHE A 352 11.75 -12.69 3.71
CA PHE A 352 11.63 -12.63 2.27
C PHE A 352 12.20 -11.34 1.70
N PHE A 353 13.21 -10.79 2.38
CA PHE A 353 13.80 -9.51 2.02
C PHE A 353 15.25 -9.74 1.61
N GLY A 354 15.58 -9.42 0.36
CA GLY A 354 16.93 -9.60 -0.12
C GLY A 354 17.30 -11.02 -0.48
N LYS A 355 16.32 -11.90 -0.66
CA LYS A 355 16.56 -13.30 -0.97
C LYS A 355 16.51 -13.49 -2.47
N THR A 356 17.58 -14.04 -3.04
CA THR A 356 17.64 -14.29 -4.47
C THR A 356 16.80 -15.51 -4.84
N ASN A 357 16.54 -15.66 -6.14
CA ASN A 357 15.71 -16.75 -6.61
C ASN A 357 16.38 -18.11 -6.39
N GLU A 358 17.71 -18.16 -6.37
CA GLU A 358 18.40 -19.43 -6.15
C GLU A 358 18.09 -19.99 -4.77
N GLN A 359 18.11 -19.16 -3.74
CA GLN A 359 17.92 -19.66 -2.37
C GLN A 359 16.51 -20.23 -2.18
N VAL A 360 15.49 -19.51 -2.65
CA VAL A 360 14.12 -19.99 -2.48
C VAL A 360 13.89 -21.25 -3.29
N VAL A 361 14.51 -21.36 -4.47
CA VAL A 361 14.42 -22.60 -5.24
C VAL A 361 15.07 -23.75 -4.49
N GLU A 362 16.20 -23.48 -3.83
CA GLU A 362 16.90 -24.51 -3.07
C GLU A 362 16.03 -25.05 -1.93
N VAL A 363 15.40 -24.15 -1.17
CA VAL A 363 14.57 -24.59 -0.05
C VAL A 363 13.30 -25.28 -0.57
N CYS A 364 12.78 -24.83 -1.71
CA CYS A 364 11.61 -25.49 -2.27
C CYS A 364 11.93 -26.93 -2.65
N THR A 365 13.10 -27.17 -3.24
CA THR A 365 13.50 -28.54 -3.56
C THR A 365 13.70 -29.36 -2.30
N ASN A 366 14.29 -28.76 -1.27
CA ASN A 366 14.50 -29.46 -0.01
C ASN A 366 13.18 -29.87 0.63
N THR A 367 12.21 -28.95 0.63
CA THR A 367 10.88 -29.27 1.14
C THR A 367 10.13 -30.20 0.18
N SER A 368 10.51 -30.18 -1.10
CA SER A 368 9.90 -30.99 -2.15
C SER A 368 8.46 -30.56 -2.45
N SER A 369 8.16 -29.28 -2.25
CA SER A 369 6.86 -28.76 -2.66
C SER A 369 6.78 -28.73 -4.18
N PRO A 370 5.68 -29.21 -4.77
CA PRO A 370 5.58 -29.24 -6.24
C PRO A 370 5.69 -27.86 -6.88
N HIS A 371 5.20 -26.82 -6.22
CA HIS A 371 5.30 -25.46 -6.74
C HIS A 371 6.71 -24.94 -6.51
N ALA A 372 7.61 -25.30 -7.41
CA ALA A 372 9.00 -24.88 -7.35
C ALA A 372 9.53 -24.30 -8.65
N GLY A 373 8.95 -24.65 -9.81
CA GLY A 373 9.43 -24.15 -11.07
C GLY A 373 9.07 -22.72 -11.40
N LEU A 374 8.22 -22.09 -10.58
CA LEU A 374 7.81 -20.72 -10.87
C LEU A 374 9.00 -19.77 -10.81
N PHE A 375 9.88 -19.94 -9.83
CA PHE A 375 11.01 -19.04 -9.68
C PHE A 375 12.11 -19.43 -10.66
N PRO A 376 12.47 -18.56 -11.60
CA PRO A 376 13.53 -18.91 -12.54
C PRO A 376 14.89 -18.94 -11.87
N LYS A 377 15.79 -19.75 -12.41
CA LYS A 377 17.12 -19.95 -11.83
C LYS A 377 18.05 -18.87 -12.38
N ASP A 378 18.19 -17.78 -11.64
CA ASP A 378 19.06 -16.68 -12.03
C ASP A 378 19.35 -15.82 -10.82
N ASN A 379 20.33 -14.93 -10.97
CA ASN A 379 20.81 -14.11 -9.87
C ASN A 379 19.87 -12.96 -9.53
N SER A 380 18.83 -12.73 -10.32
CA SER A 380 17.98 -11.56 -10.13
C SER A 380 17.21 -11.63 -8.81
N THR A 381 16.55 -10.53 -8.49
CA THR A 381 15.86 -10.37 -7.22
C THR A 381 14.56 -11.17 -7.21
N LEU A 382 13.90 -11.17 -6.04
CA LEU A 382 12.64 -11.86 -5.85
C LEU A 382 11.49 -10.87 -6.02
N ALA A 383 10.48 -11.26 -6.80
CA ALA A 383 9.26 -10.49 -6.96
C ALA A 383 8.11 -11.26 -6.32
N VAL A 384 7.29 -10.56 -5.56
CA VAL A 384 6.25 -11.20 -4.75
C VAL A 384 4.88 -10.72 -5.19
N ASP A 385 3.93 -11.65 -5.20
CA ASP A 385 2.52 -11.36 -5.42
C ASP A 385 1.73 -12.28 -4.50
N ILE A 386 0.40 -12.28 -4.65
CA ILE A 386 -0.42 -13.15 -3.81
C ILE A 386 -0.15 -14.62 -4.15
N TYR A 387 -0.09 -14.93 -5.44
CA TYR A 387 0.24 -16.29 -5.88
C TYR A 387 1.67 -16.67 -5.47
N LYS A 388 2.65 -15.89 -5.92
CA LYS A 388 4.05 -16.21 -5.65
C LYS A 388 4.35 -16.12 -4.16
N GLY A 389 3.87 -15.06 -3.50
CA GLY A 389 4.17 -14.88 -2.09
C GLY A 389 3.67 -16.02 -1.23
N GLY A 390 2.46 -16.51 -1.51
CA GLY A 390 1.96 -17.67 -0.80
C GLY A 390 2.78 -18.91 -1.08
N VAL A 391 3.27 -19.06 -2.30
CA VAL A 391 4.03 -20.26 -2.67
C VAL A 391 5.34 -20.32 -1.89
N VAL A 392 6.09 -19.21 -1.87
CA VAL A 392 7.38 -19.20 -1.20
C VAL A 392 7.19 -19.32 0.31
N LEU A 393 6.13 -18.68 0.84
CA LEU A 393 5.83 -18.83 2.26
C LEU A 393 5.52 -20.28 2.60
N GLY A 394 4.75 -20.95 1.74
CA GLY A 394 4.50 -22.37 1.95
C GLY A 394 5.76 -23.21 1.86
N CYS A 395 6.63 -22.88 0.90
CA CYS A 395 7.91 -23.58 0.78
C CYS A 395 8.73 -23.43 2.05
N TYR A 396 8.82 -22.21 2.57
CA TYR A 396 9.74 -21.93 3.67
C TYR A 396 9.23 -22.46 5.01
N PHE A 397 7.92 -22.37 5.24
CA PHE A 397 7.38 -22.68 6.56
C PHE A 397 6.25 -23.71 6.50
N GLY A 398 6.35 -24.64 5.56
CA GLY A 398 5.41 -25.74 5.47
C GLY A 398 4.12 -25.36 4.76
N PRO A 399 3.40 -26.36 4.27
CA PRO A 399 2.10 -26.09 3.63
C PRO A 399 1.08 -25.49 4.57
N ALA A 400 1.25 -25.65 5.88
CA ALA A 400 0.30 -25.09 6.84
C ALA A 400 0.24 -23.58 6.72
N ALA A 401 1.40 -22.92 6.63
CA ALA A 401 1.42 -21.47 6.51
C ALA A 401 0.74 -21.01 5.22
N LEU A 402 0.97 -21.73 4.13
CA LEU A 402 0.35 -21.37 2.86
C LEU A 402 -1.16 -21.42 2.94
N TYR A 403 -1.70 -22.49 3.53
CA TYR A 403 -3.14 -22.64 3.63
C TYR A 403 -3.75 -21.57 4.54
N ILE A 404 -3.09 -21.26 5.66
CA ILE A 404 -3.56 -20.21 6.53
C ILE A 404 -3.52 -18.86 5.81
N TRP A 405 -2.47 -18.64 5.02
CA TRP A 405 -2.40 -17.41 4.22
C TRP A 405 -3.53 -17.35 3.21
N ALA A 406 -3.84 -18.49 2.57
CA ALA A 406 -4.93 -18.51 1.61
C ALA A 406 -6.27 -18.21 2.28
N VAL A 407 -6.49 -18.77 3.47
CA VAL A 407 -7.72 -18.47 4.20
C VAL A 407 -7.79 -17.00 4.56
N GLY A 408 -6.66 -16.43 4.99
CA GLY A 408 -6.66 -15.01 5.34
C GLY A 408 -7.02 -14.12 4.18
N ILE A 409 -6.53 -14.45 2.98
CA ILE A 409 -6.88 -13.66 1.79
C ILE A 409 -8.37 -13.78 1.50
N LEU A 410 -8.93 -14.98 1.65
CA LEU A 410 -10.36 -15.16 1.41
C LEU A 410 -11.20 -14.32 2.35
N ALA A 411 -10.80 -14.25 3.62
CA ALA A 411 -11.48 -13.36 4.55
C ALA A 411 -11.38 -11.91 4.11
N ALA A 412 -10.23 -11.52 3.58
CA ALA A 412 -10.09 -10.18 3.02
C ALA A 412 -11.01 -9.99 1.82
N GLY A 413 -11.11 -11.03 0.97
CA GLY A 413 -12.00 -10.94 -0.17
C GLY A 413 -13.45 -10.74 0.24
N GLN A 414 -13.90 -11.48 1.25
CA GLN A 414 -15.27 -11.32 1.73
C GLN A 414 -15.47 -9.93 2.34
N SER A 415 -14.47 -9.43 3.08
CA SER A 415 -14.60 -8.11 3.69
C SER A 415 -14.71 -7.03 2.63
N SER A 416 -13.87 -7.10 1.59
CA SER A 416 -13.91 -6.08 0.54
C SER A 416 -15.25 -6.08 -0.18
N THR A 417 -15.81 -7.27 -0.43
CA THR A 417 -17.11 -7.35 -1.08
C THR A 417 -18.20 -6.72 -0.20
N MET A 418 -18.23 -7.08 1.08
CA MET A 418 -19.29 -6.59 1.95
C MET A 418 -19.25 -5.08 2.09
N THR A 419 -18.05 -4.51 2.25
CA THR A 419 -17.94 -3.06 2.23
C THR A 419 -18.13 -2.49 0.83
N GLY A 420 -17.96 -3.31 -0.21
CA GLY A 420 -18.19 -2.84 -1.56
C GLY A 420 -19.65 -2.57 -1.85
N THR A 421 -20.51 -3.54 -1.53
CA THR A 421 -21.95 -3.35 -1.72
C THR A 421 -22.50 -2.28 -0.79
N TYR A 422 -22.03 -2.26 0.46
CA TYR A 422 -22.48 -1.24 1.40
C TYR A 422 -22.13 0.15 0.91
N SER A 423 -20.91 0.33 0.39
CA SER A 423 -20.55 1.61 -0.20
C SER A 423 -21.44 1.94 -1.39
N GLY A 424 -21.59 0.99 -2.31
CA GLY A 424 -22.35 1.25 -3.52
C GLY A 424 -23.82 1.54 -3.26
N GLN A 425 -24.41 0.83 -2.29
CA GLN A 425 -25.81 1.07 -1.98
C GLN A 425 -26.02 2.48 -1.44
N PHE A 426 -25.10 2.96 -0.61
CA PHE A 426 -25.30 4.25 0.03
C PHE A 426 -25.06 5.41 -0.95
N VAL A 427 -24.04 5.31 -1.80
CA VAL A 427 -23.74 6.42 -2.70
C VAL A 427 -24.87 6.62 -3.70
N MET A 428 -25.37 5.52 -4.28
CA MET A 428 -26.49 5.63 -5.21
C MET A 428 -27.75 6.11 -4.50
N GLU A 429 -27.88 5.83 -3.21
CA GLU A 429 -28.99 6.36 -2.43
C GLU A 429 -28.88 7.87 -2.29
N GLY A 430 -27.67 8.39 -2.14
CA GLY A 430 -27.49 9.79 -1.87
C GLY A 430 -27.33 10.69 -3.08
N PHE A 431 -26.39 10.36 -3.97
CA PHE A 431 -25.98 11.26 -5.04
C PHE A 431 -27.14 11.58 -5.98
N LEU A 432 -27.64 10.59 -6.70
CA LEU A 432 -28.74 10.76 -7.62
C LEU A 432 -30.07 10.31 -7.03
N ASN A 433 -30.10 9.96 -5.74
CA ASN A 433 -31.31 9.58 -5.02
C ASN A 433 -32.02 8.42 -5.72
N LEU A 434 -31.33 7.28 -5.77
CA LEU A 434 -31.88 6.05 -6.30
C LEU A 434 -31.81 4.98 -5.22
N LYS A 435 -32.94 4.35 -4.93
CA LYS A 435 -33.01 3.32 -3.90
C LYS A 435 -32.84 1.95 -4.55
N TRP A 436 -31.75 1.26 -4.19
CA TRP A 436 -31.46 -0.07 -4.69
C TRP A 436 -31.06 -0.97 -3.54
N SER A 437 -31.58 -2.20 -3.55
CA SER A 437 -31.22 -3.16 -2.52
C SER A 437 -29.77 -3.61 -2.72
N ARG A 438 -29.21 -4.20 -1.65
CA ARG A 438 -27.81 -4.63 -1.69
C ARG A 438 -27.58 -5.65 -2.79
N PHE A 439 -28.55 -6.53 -3.05
CA PHE A 439 -28.41 -7.52 -4.10
C PHE A 439 -28.21 -6.87 -5.46
N ALA A 440 -28.92 -5.75 -5.70
CA ALA A 440 -28.72 -5.01 -6.93
C ALA A 440 -27.29 -4.48 -7.03
N ARG A 441 -26.75 -3.99 -5.93
CA ARG A 441 -25.42 -3.38 -5.97
C ARG A 441 -24.33 -4.42 -6.24
N VAL A 442 -24.38 -5.56 -5.54
CA VAL A 442 -23.35 -6.57 -5.72
C VAL A 442 -23.42 -7.15 -7.13
N VAL A 443 -24.63 -7.37 -7.64
CA VAL A 443 -24.78 -7.90 -8.99
C VAL A 443 -24.16 -6.95 -10.00
N LEU A 444 -24.43 -5.65 -9.85
CA LEU A 444 -23.84 -4.67 -10.75
C LEU A 444 -22.32 -4.67 -10.67
N THR A 445 -21.78 -4.64 -9.45
CA THR A 445 -20.33 -4.56 -9.28
C THR A 445 -19.65 -5.84 -9.75
N ARG A 446 -20.19 -7.00 -9.37
CA ARG A 446 -19.55 -8.26 -9.72
C ARG A 446 -19.62 -8.56 -11.21
N SER A 447 -20.79 -8.36 -11.82
CA SER A 447 -20.93 -8.65 -13.23
C SER A 447 -20.03 -7.77 -14.08
N ILE A 448 -19.88 -6.50 -13.70
CA ILE A 448 -18.95 -5.62 -14.40
C ILE A 448 -17.51 -6.05 -14.14
N ALA A 449 -17.20 -6.46 -12.91
CA ALA A 449 -15.82 -6.75 -12.55
C ALA A 449 -15.31 -8.02 -13.23
N ILE A 450 -16.14 -9.07 -13.29
CA ILE A 450 -15.65 -10.35 -13.81
C ILE A 450 -15.57 -10.37 -15.33
N ILE A 451 -16.17 -9.40 -16.02
CA ILE A 451 -16.11 -9.40 -17.49
C ILE A 451 -14.67 -9.31 -18.00
N PRO A 452 -13.84 -8.36 -17.54
CA PRO A 452 -12.43 -8.36 -18.00
C PRO A 452 -11.60 -9.42 -17.32
N THR A 453 -11.85 -9.63 -16.01
CA THR A 453 -10.98 -10.49 -15.21
C THR A 453 -11.00 -11.93 -15.70
N LEU A 454 -12.19 -12.45 -16.03
CA LEU A 454 -12.25 -13.79 -16.60
C LEU A 454 -11.60 -13.84 -17.97
N LEU A 455 -11.75 -12.77 -18.76
CA LEU A 455 -11.18 -12.75 -20.11
C LEU A 455 -9.66 -12.73 -20.07
N VAL A 456 -9.05 -11.92 -19.18
CA VAL A 456 -7.60 -11.91 -19.10
C VAL A 456 -7.09 -13.23 -18.55
N ALA A 457 -7.84 -13.87 -17.64
CA ALA A 457 -7.44 -15.17 -17.13
C ALA A 457 -7.40 -16.21 -18.24
N VAL A 458 -8.39 -16.18 -19.14
CA VAL A 458 -8.38 -17.09 -20.28
C VAL A 458 -7.23 -16.78 -21.22
N PHE A 459 -7.02 -15.49 -21.52
CA PHE A 459 -5.99 -15.10 -22.49
C PHE A 459 -4.60 -15.08 -21.85
N GLN A 460 -4.40 -14.21 -20.86
CA GLN A 460 -3.11 -14.11 -20.21
C GLN A 460 -2.99 -15.10 -19.06
N ASP A 461 -1.77 -15.28 -18.58
CA ASP A 461 -1.49 -16.22 -17.52
C ASP A 461 -1.64 -15.56 -16.15
N VAL A 462 -1.36 -16.33 -15.10
CA VAL A 462 -1.55 -15.84 -13.74
C VAL A 462 -0.58 -14.72 -13.41
N GLU A 463 0.64 -14.76 -13.96
CA GLU A 463 1.60 -13.69 -13.69
C GLU A 463 1.09 -12.36 -14.20
N HIS A 464 0.46 -12.35 -15.38
CA HIS A 464 -0.18 -11.12 -15.86
C HIS A 464 -1.48 -10.85 -15.12
N LEU A 465 -2.11 -11.89 -14.57
CA LEU A 465 -3.33 -11.67 -13.77
C LEU A 465 -3.02 -10.81 -12.55
N THR A 466 -1.94 -11.10 -11.85
CA THR A 466 -1.49 -10.22 -10.78
C THR A 466 -0.80 -8.96 -11.32
N GLY A 467 -0.35 -9.00 -12.58
CA GLY A 467 0.14 -7.79 -13.21
C GLY A 467 -0.94 -6.76 -13.39
N MET A 468 -2.18 -7.20 -13.64
CA MET A 468 -3.31 -6.28 -13.71
C MET A 468 -3.54 -5.57 -12.38
N ASN A 469 -3.18 -6.22 -11.27
CA ASN A 469 -3.33 -5.59 -9.96
C ASN A 469 -2.51 -4.31 -9.86
N ASP A 470 -1.38 -4.24 -10.58
CA ASP A 470 -0.63 -2.99 -10.65
C ASP A 470 -1.49 -1.88 -11.27
N PHE A 471 -2.18 -2.21 -12.37
CA PHE A 471 -3.01 -1.21 -13.04
C PHE A 471 -4.14 -0.73 -12.15
N LEU A 472 -4.79 -1.64 -11.43
CA LEU A 472 -5.83 -1.23 -10.49
C LEU A 472 -5.24 -0.42 -9.34
N ASN A 473 -4.06 -0.82 -8.86
CA ASN A 473 -3.45 -0.11 -7.74
C ASN A 473 -3.13 1.34 -8.10
N VAL A 474 -2.56 1.56 -9.29
CA VAL A 474 -2.24 2.92 -9.68
C VAL A 474 -3.51 3.71 -9.98
N LEU A 475 -4.47 3.07 -10.63
CA LEU A 475 -5.73 3.76 -10.94
C LEU A 475 -6.42 4.20 -9.65
N GLN A 476 -6.41 3.35 -8.63
CA GLN A 476 -6.89 3.75 -7.32
C GLN A 476 -6.02 4.86 -6.73
N SER A 477 -4.75 4.93 -7.12
CA SER A 477 -3.86 5.93 -6.55
C SER A 477 -4.15 7.33 -7.09
N LEU A 478 -4.35 7.47 -8.40
CA LEU A 478 -4.64 8.81 -8.94
C LEU A 478 -5.97 9.34 -8.41
N GLN A 479 -6.92 8.45 -8.20
CA GLN A 479 -8.24 8.79 -7.69
C GLN A 479 -8.33 8.74 -6.16
N LEU A 480 -7.19 8.54 -5.50
CA LEU A 480 -7.15 8.66 -4.04
C LEU A 480 -7.62 10.01 -3.53
N PRO A 481 -7.20 11.15 -4.08
CA PRO A 481 -7.59 12.44 -3.48
C PRO A 481 -9.08 12.66 -3.41
N PHE A 482 -9.86 12.05 -4.31
CA PHE A 482 -11.30 12.26 -4.34
C PHE A 482 -11.99 11.90 -3.03
N ALA A 483 -11.27 11.30 -2.08
CA ALA A 483 -11.76 11.17 -0.71
C ALA A 483 -11.29 12.29 0.20
N LEU A 484 -10.46 13.20 -0.29
CA LEU A 484 -9.87 14.24 0.55
C LEU A 484 -10.58 15.58 0.37
N ILE A 485 -10.61 16.10 -0.85
CA ILE A 485 -11.23 17.41 -1.08
C ILE A 485 -12.69 17.43 -0.63
N PRO A 486 -13.54 16.46 -1.00
CA PRO A 486 -14.95 16.57 -0.59
C PRO A 486 -15.17 16.62 0.92
N ILE A 487 -14.38 15.88 1.71
CA ILE A 487 -14.72 15.73 3.12
C ILE A 487 -14.51 17.04 3.88
N LEU A 488 -13.41 17.75 3.63
CA LEU A 488 -13.26 19.03 4.30
C LEU A 488 -14.02 20.15 3.60
N THR A 489 -14.20 20.06 2.27
CA THR A 489 -14.98 21.08 1.58
C THR A 489 -16.38 21.18 2.15
N PHE A 490 -16.95 20.07 2.58
CA PHE A 490 -18.30 20.03 3.14
C PHE A 490 -18.29 20.22 4.66
N THR A 491 -17.28 19.70 5.34
CA THR A 491 -17.18 19.91 6.78
C THR A 491 -16.28 21.12 7.08
N SER A 492 -16.51 22.19 6.32
CA SER A 492 -15.90 23.48 6.61
C SER A 492 -16.87 24.64 6.54
N LEU A 493 -17.99 24.52 5.85
CA LEU A 493 -18.91 25.64 5.65
C LEU A 493 -19.78 25.80 6.88
N ARG A 494 -19.94 27.05 7.33
CA ARG A 494 -20.78 27.33 8.49
C ARG A 494 -22.23 26.89 8.30
N PRO A 495 -22.91 27.19 7.19
CA PRO A 495 -24.33 26.82 7.09
C PRO A 495 -24.60 25.33 7.18
N VAL A 496 -23.71 24.48 6.68
CA VAL A 496 -23.98 23.05 6.62
C VAL A 496 -23.61 22.34 7.92
N MET A 497 -22.52 22.77 8.57
CA MET A 497 -22.06 22.15 9.80
C MET A 497 -22.50 22.92 11.04
N SER A 498 -23.39 23.89 10.89
CA SER A 498 -23.76 24.81 11.97
C SER A 498 -22.49 25.38 12.60
N ASP A 499 -22.48 25.50 13.93
CA ASP A 499 -21.32 26.03 14.64
C ASP A 499 -20.36 24.94 15.10
N PHE A 500 -20.41 23.76 14.48
CA PHE A 500 -19.45 22.69 14.73
C PHE A 500 -18.39 22.60 13.64
N ALA A 501 -17.98 23.73 13.07
CA ALA A 501 -16.96 23.72 12.04
C ALA A 501 -15.60 23.39 12.65
N ASN A 502 -14.68 22.96 11.79
CA ASN A 502 -13.35 22.59 12.24
C ASN A 502 -12.58 23.82 12.69
N GLY A 503 -11.60 23.60 13.57
CA GLY A 503 -10.74 24.67 14.02
C GLY A 503 -9.77 25.11 12.94
N LEU A 504 -9.11 26.24 13.21
CA LEU A 504 -8.23 26.85 12.21
C LEU A 504 -7.11 25.91 11.81
N GLY A 505 -6.50 25.23 12.79
CA GLY A 505 -5.40 24.32 12.47
C GLY A 505 -5.84 23.19 11.56
N TRP A 506 -7.06 22.70 11.75
CA TRP A 506 -7.57 21.65 10.86
C TRP A 506 -7.70 22.14 9.43
N ARG A 507 -8.17 23.38 9.24
CA ARG A 507 -8.31 23.92 7.90
C ARG A 507 -6.97 24.05 7.21
N ILE A 508 -5.97 24.59 7.91
CA ILE A 508 -4.65 24.78 7.29
C ILE A 508 -3.99 23.43 7.03
N ALA A 509 -4.21 22.46 7.92
CA ALA A 509 -3.67 21.12 7.71
C ALA A 509 -4.27 20.48 6.47
N GLY A 510 -5.59 20.61 6.29
CA GLY A 510 -6.21 20.09 5.09
C GLY A 510 -5.76 20.81 3.83
N GLY A 511 -5.61 22.13 3.92
CA GLY A 511 -5.12 22.88 2.78
C GLY A 511 -3.74 22.46 2.35
N ILE A 512 -2.85 22.21 3.33
CA ILE A 512 -1.53 21.68 3.01
C ILE A 512 -1.65 20.30 2.38
N LEU A 513 -2.52 19.45 2.94
CA LEU A 513 -2.64 18.08 2.46
C LEU A 513 -3.13 18.04 1.02
N VAL A 514 -4.15 18.84 0.69
CA VAL A 514 -4.69 18.80 -0.66
C VAL A 514 -3.69 19.36 -1.66
N LEU A 515 -2.94 20.40 -1.28
CA LEU A 515 -1.88 20.90 -2.14
C LEU A 515 -0.81 19.86 -2.37
N ILE A 516 -0.45 19.12 -1.31
CA ILE A 516 0.55 18.06 -1.45
C ILE A 516 0.06 16.98 -2.39
N ILE A 517 -1.19 16.53 -2.20
CA ILE A 517 -1.72 15.46 -3.03
C ILE A 517 -1.96 15.94 -4.46
N CYS A 518 -2.30 17.22 -4.64
CA CYS A 518 -2.44 17.75 -5.99
C CYS A 518 -1.10 17.79 -6.70
N SER A 519 -0.05 18.24 -6.01
CA SER A 519 1.27 18.31 -6.62
C SER A 519 1.79 16.93 -6.98
N ILE A 520 1.56 15.93 -6.11
CA ILE A 520 2.02 14.58 -6.39
C ILE A 520 1.33 14.03 -7.63
N ASN A 521 0.02 14.23 -7.75
CA ASN A 521 -0.72 13.70 -8.88
C ASN A 521 -0.29 14.36 -10.19
N MET A 522 -0.14 15.69 -10.18
CA MET A 522 0.32 16.37 -11.40
C MET A 522 1.74 15.99 -11.74
N TYR A 523 2.57 15.71 -10.73
CA TYR A 523 3.91 15.20 -10.99
C TYR A 523 3.85 13.85 -11.69
N PHE A 524 2.95 12.98 -11.25
CA PHE A 524 2.90 11.63 -11.79
C PHE A 524 2.19 11.56 -13.13
N VAL A 525 1.18 12.41 -13.36
CA VAL A 525 0.40 12.31 -14.59
C VAL A 525 1.25 12.67 -15.80
N VAL A 526 2.15 13.65 -15.66
CA VAL A 526 3.00 14.02 -16.78
C VAL A 526 4.01 12.92 -17.07
N VAL A 527 4.49 12.23 -16.03
CA VAL A 527 5.42 11.12 -16.23
C VAL A 527 4.73 9.97 -16.96
N TYR A 528 3.49 9.65 -16.57
CA TYR A 528 2.76 8.60 -17.24
C TYR A 528 2.45 8.95 -18.68
N VAL A 529 2.24 10.24 -18.96
CA VAL A 529 2.04 10.67 -20.34
C VAL A 529 3.31 10.50 -21.15
N ARG A 530 4.46 10.89 -20.57
CA ARG A 530 5.73 10.76 -21.27
C ARG A 530 6.11 9.31 -21.55
N ASP A 531 5.55 8.37 -20.78
CA ASP A 531 5.92 6.97 -20.95
C ASP A 531 5.54 6.46 -22.33
N LEU A 532 4.36 6.84 -22.83
CA LEU A 532 3.91 6.36 -24.13
C LEU A 532 4.62 7.09 -25.26
N GLY A 533 4.47 8.40 -25.32
CA GLY A 533 5.08 9.19 -26.39
C GLY A 533 4.55 8.89 -27.77
N HIS A 534 3.24 8.74 -27.92
CA HIS A 534 2.62 8.47 -29.21
C HIS A 534 2.16 9.77 -29.84
N VAL A 535 1.47 9.67 -30.97
CA VAL A 535 1.01 10.85 -31.71
C VAL A 535 -0.45 11.17 -31.39
N ALA A 536 -1.32 10.16 -31.44
CA ALA A 536 -2.73 10.34 -31.11
C ALA A 536 -3.18 9.55 -29.89
N LEU A 537 -2.54 8.42 -29.59
CA LEU A 537 -2.81 7.75 -28.32
C LEU A 537 -2.39 8.63 -27.16
N TYR A 538 -1.32 9.41 -27.32
CA TYR A 538 -1.00 10.44 -26.35
C TYR A 538 -2.06 11.53 -26.32
N VAL A 539 -2.75 11.75 -27.45
CA VAL A 539 -3.77 12.80 -27.50
C VAL A 539 -4.96 12.43 -26.61
N VAL A 540 -5.46 11.21 -26.76
CA VAL A 540 -6.58 10.78 -25.93
C VAL A 540 -6.16 10.68 -24.47
N ALA A 541 -4.92 10.25 -24.22
CA ALA A 541 -4.40 10.27 -22.86
C ALA A 541 -4.31 11.69 -22.33
N ALA A 542 -3.88 12.63 -23.17
CA ALA A 542 -3.81 14.03 -22.75
C ALA A 542 -5.19 14.58 -22.46
N VAL A 543 -6.18 14.22 -23.28
CA VAL A 543 -7.55 14.71 -23.08
C VAL A 543 -8.08 14.21 -21.74
N VAL A 544 -7.88 12.92 -21.45
CA VAL A 544 -8.30 12.38 -20.16
C VAL A 544 -7.57 13.07 -19.02
N SER A 545 -6.26 13.26 -19.16
CA SER A 545 -5.49 13.95 -18.13
C SER A 545 -5.96 15.37 -17.94
N VAL A 546 -6.29 16.06 -19.04
CA VAL A 546 -6.79 17.42 -18.94
C VAL A 546 -8.12 17.45 -18.19
N ALA A 547 -9.01 16.52 -18.51
CA ALA A 547 -10.32 16.47 -17.84
C ALA A 547 -10.17 16.18 -16.35
N TYR A 548 -9.32 15.21 -16.00
CA TYR A 548 -9.15 14.85 -14.60
C TYR A 548 -8.52 15.99 -13.81
N LEU A 549 -7.51 16.66 -14.39
CA LEU A 549 -6.91 17.79 -13.70
C LEU A 549 -7.90 18.93 -13.54
N GLY A 550 -8.73 19.18 -14.55
CA GLY A 550 -9.74 20.22 -14.42
C GLY A 550 -10.74 19.92 -13.32
N PHE A 551 -11.18 18.67 -13.22
CA PHE A 551 -12.05 18.28 -12.12
C PHE A 551 -11.36 18.46 -10.78
N VAL A 552 -10.11 18.02 -10.68
CA VAL A 552 -9.38 18.11 -9.42
C VAL A 552 -9.18 19.57 -9.04
N PHE A 553 -8.80 20.41 -10.00
CA PHE A 553 -8.56 21.82 -9.71
C PHE A 553 -9.84 22.53 -9.30
N TYR A 554 -10.96 22.20 -9.95
CA TYR A 554 -12.24 22.81 -9.56
C TYR A 554 -12.61 22.43 -8.14
N LEU A 555 -12.42 21.16 -7.77
CA LEU A 555 -12.66 20.76 -6.39
C LEU A 555 -11.73 21.48 -5.44
N GLY A 556 -10.46 21.62 -5.83
CA GLY A 556 -9.51 22.35 -5.01
C GLY A 556 -9.89 23.80 -4.83
N TRP A 557 -10.36 24.45 -5.90
CA TRP A 557 -10.84 25.82 -5.77
C TRP A 557 -12.04 25.89 -4.84
N GLN A 558 -12.97 24.95 -4.96
CA GLN A 558 -14.13 24.92 -4.08
C GLN A 558 -13.70 24.75 -2.63
N CYS A 559 -12.67 23.93 -2.38
CA CYS A 559 -12.16 23.77 -1.03
C CYS A 559 -11.60 25.08 -0.49
N LEU A 560 -10.87 25.81 -1.33
CA LEU A 560 -10.25 27.06 -0.88
C LEU A 560 -11.30 28.08 -0.46
N ILE A 561 -12.39 28.19 -1.24
CA ILE A 561 -13.49 29.06 -0.82
C ILE A 561 -14.10 28.54 0.47
N ALA A 562 -14.25 27.22 0.58
CA ALA A 562 -14.82 26.64 1.79
C ALA A 562 -13.95 26.91 3.01
N LEU A 563 -12.63 26.79 2.84
CA LEU A 563 -11.72 27.02 3.96
C LEU A 563 -11.54 28.51 4.24
N GLN B 1 31.73 -3.03 16.70
CA GLN B 1 31.07 -4.24 16.15
C GLN B 1 31.09 -4.22 14.63
N VAL B 2 30.93 -3.02 14.05
CA VAL B 2 30.92 -2.89 12.60
C VAL B 2 32.32 -3.18 12.07
N GLN B 3 32.39 -4.03 11.05
CA GLN B 3 33.66 -4.45 10.46
C GLN B 3 33.53 -4.44 8.95
N LEU B 4 34.54 -3.91 8.27
CA LEU B 4 34.59 -3.91 6.81
C LEU B 4 36.02 -4.17 6.38
N VAL B 5 36.21 -5.14 5.49
CA VAL B 5 37.51 -5.46 4.92
C VAL B 5 37.39 -5.46 3.41
N GLU B 6 38.32 -4.79 2.75
CA GLU B 6 38.32 -4.66 1.29
C GLU B 6 39.39 -5.57 0.69
N SER B 7 38.99 -6.33 -0.33
CA SER B 7 39.88 -7.27 -0.99
C SER B 7 39.74 -7.11 -2.50
N GLY B 8 40.89 -7.00 -3.18
CA GLY B 8 40.89 -6.75 -4.61
C GLY B 8 41.78 -5.61 -5.03
N GLY B 9 42.74 -5.23 -4.18
CA GLY B 9 43.73 -4.25 -4.57
C GLY B 9 44.80 -4.83 -5.48
N GLY B 10 45.56 -3.94 -6.11
CA GLY B 10 46.65 -4.36 -6.97
C GLY B 10 46.93 -3.42 -8.12
N LEU B 11 47.80 -3.83 -9.03
CA LEU B 11 48.19 -3.03 -10.19
C LEU B 11 47.54 -3.60 -11.44
N VAL B 12 46.89 -2.73 -12.21
CA VAL B 12 46.25 -3.12 -13.46
C VAL B 12 46.51 -2.04 -14.50
N GLN B 13 46.78 -2.46 -15.73
CA GLN B 13 47.03 -1.53 -16.82
C GLN B 13 45.73 -0.82 -17.21
N ALA B 14 45.89 0.33 -17.86
CA ALA B 14 44.73 1.08 -18.33
C ALA B 14 43.91 0.22 -19.30
N GLY B 15 42.60 0.31 -19.18
CA GLY B 15 41.70 -0.48 -20.00
C GLY B 15 41.43 -1.88 -19.49
N GLY B 16 41.95 -2.22 -18.31
CA GLY B 16 41.75 -3.54 -17.74
C GLY B 16 40.44 -3.66 -16.96
N SER B 17 40.28 -4.79 -16.30
CA SER B 17 39.11 -5.06 -15.48
C SER B 17 39.56 -5.74 -14.19
N LEU B 18 38.79 -5.51 -13.12
CA LEU B 18 39.09 -6.13 -11.84
C LEU B 18 37.81 -6.11 -11.02
N ARG B 19 37.77 -6.97 -9.99
CA ARG B 19 36.60 -7.04 -9.11
C ARG B 19 37.04 -6.82 -7.66
N LEU B 20 36.45 -5.83 -7.02
CA LEU B 20 36.71 -5.48 -5.63
C LEU B 20 35.56 -5.98 -4.75
N SER B 21 35.88 -6.29 -3.49
CA SER B 21 34.88 -6.81 -2.55
C SER B 21 35.01 -6.13 -1.19
N CYS B 22 33.88 -5.74 -0.62
CA CYS B 22 33.79 -5.37 0.79
C CYS B 22 33.10 -6.53 1.51
N ALA B 23 33.79 -7.12 2.48
CA ALA B 23 33.22 -8.14 3.34
C ALA B 23 33.00 -7.53 4.72
N ALA B 24 31.77 -7.66 5.23
CA ALA B 24 31.39 -7.09 6.52
C ALA B 24 30.63 -8.13 7.32
N SER B 25 30.67 -7.96 8.64
CA SER B 25 29.96 -8.85 9.55
C SER B 25 29.62 -8.07 10.81
N GLY B 26 28.80 -8.70 11.65
CA GLY B 26 28.36 -8.07 12.88
C GLY B 26 27.06 -7.30 12.77
N PHE B 27 26.49 -7.19 11.56
CA PHE B 27 25.23 -6.49 11.37
C PHE B 27 24.56 -7.01 10.12
N PRO B 28 23.23 -6.82 9.99
CA PRO B 28 22.54 -7.31 8.80
C PRO B 28 22.68 -6.35 7.63
N VAL B 29 23.78 -6.46 6.88
CA VAL B 29 24.05 -5.53 5.79
C VAL B 29 22.96 -5.63 4.73
N SER B 30 22.27 -6.76 4.65
CA SER B 30 21.22 -6.91 3.64
C SER B 30 20.16 -5.82 3.79
N ARG B 31 19.88 -5.40 5.02
CA ARG B 31 18.80 -4.45 5.28
C ARG B 31 19.25 -3.00 5.23
N SER B 32 20.56 -2.74 5.17
CA SER B 32 21.08 -1.39 5.30
C SER B 32 21.70 -0.91 3.99
N GLU B 33 21.67 0.40 3.79
CA GLU B 33 22.24 0.99 2.59
C GLU B 33 23.75 0.83 2.59
N MET B 34 24.30 0.69 1.38
CA MET B 34 25.72 0.47 1.18
C MET B 34 26.24 1.52 0.22
N TYR B 35 27.24 2.30 0.66
CA TYR B 35 27.84 3.34 -0.15
C TYR B 35 29.30 3.00 -0.44
N TRP B 36 29.82 3.62 -1.50
CA TRP B 36 31.16 3.32 -2.00
C TRP B 36 31.91 4.64 -2.23
N TYR B 37 33.22 4.64 -1.93
CA TYR B 37 34.01 5.85 -1.95
C TYR B 37 35.34 5.59 -2.65
N ARG B 38 36.00 6.68 -3.04
CA ARG B 38 37.37 6.65 -3.52
C ARG B 38 38.05 7.95 -3.15
N GLN B 39 39.26 7.86 -2.63
CA GLN B 39 40.04 9.02 -2.21
C GLN B 39 41.31 9.08 -3.06
N ALA B 40 41.29 9.92 -4.10
CA ALA B 40 42.44 10.07 -4.95
C ALA B 40 43.58 10.75 -4.17
N PRO B 41 44.83 10.51 -4.56
CA PRO B 41 45.95 11.11 -3.84
C PRO B 41 46.00 12.62 -4.08
N GLY B 42 45.86 13.38 -3.00
CA GLY B 42 45.84 14.83 -3.08
C GLY B 42 44.48 15.44 -3.31
N LYS B 43 43.42 14.64 -3.33
CA LYS B 43 42.06 15.13 -3.54
C LYS B 43 41.14 14.58 -2.46
N GLU B 44 39.96 15.18 -2.37
CA GLU B 44 39.03 14.86 -1.30
C GLU B 44 38.18 13.64 -1.65
N ARG B 45 37.61 13.03 -0.61
CA ARG B 45 36.72 11.89 -0.77
C ARG B 45 35.47 12.31 -1.55
N GLU B 46 34.93 11.38 -2.33
CA GLU B 46 33.89 11.69 -3.32
C GLU B 46 32.89 10.54 -3.44
N TRP B 47 31.62 10.91 -3.58
CA TRP B 47 30.55 9.93 -3.69
C TRP B 47 30.59 9.23 -5.04
N VAL B 48 30.87 7.93 -5.02
CA VAL B 48 30.95 7.12 -6.24
C VAL B 48 29.61 6.49 -6.57
N ALA B 49 29.09 5.64 -5.69
CA ALA B 49 27.85 4.92 -5.94
C ALA B 49 27.41 4.30 -4.62
N ALA B 50 26.20 3.73 -4.63
CA ALA B 50 25.65 3.15 -3.40
C ALA B 50 24.44 2.30 -3.76
N ILE B 51 24.33 1.15 -3.10
CA ILE B 51 23.16 0.28 -3.24
C ILE B 51 22.28 0.46 -2.02
N HIS B 52 21.34 1.40 -2.09
CA HIS B 52 20.51 1.69 -0.92
C HIS B 52 19.66 0.47 -0.56
N SER B 53 19.27 -0.29 -1.58
CA SER B 53 18.57 -1.55 -1.43
C SER B 53 17.15 -1.39 -0.90
N ILE B 54 16.63 -0.16 -0.79
CA ILE B 54 15.22 0.00 -0.50
C ILE B 54 14.36 -0.56 -1.62
N GLY B 55 14.90 -0.62 -2.83
CA GLY B 55 14.25 -1.30 -3.94
C GLY B 55 15.28 -1.99 -4.82
N TRP B 56 16.46 -2.24 -4.26
CA TRP B 56 17.60 -2.78 -5.00
C TRP B 56 18.03 -1.84 -6.13
N ASN B 57 17.84 -0.55 -5.91
CA ASN B 57 18.25 0.45 -6.89
C ASN B 57 19.74 0.69 -6.78
N THR B 58 20.37 0.99 -7.89
CA THR B 58 21.80 1.28 -7.90
C THR B 58 22.02 2.65 -8.52
N ARG B 59 22.69 3.54 -7.79
CA ARG B 59 22.94 4.89 -8.23
C ARG B 59 24.44 5.12 -8.40
N TYR B 60 24.81 5.77 -9.50
CA TYR B 60 26.21 6.02 -9.83
C TYR B 60 26.45 7.51 -9.95
N ALA B 61 27.69 7.91 -9.70
CA ALA B 61 28.08 9.30 -9.86
C ALA B 61 28.27 9.64 -11.33
N ASP B 62 28.43 10.92 -11.62
CA ASP B 62 28.51 11.37 -13.00
C ASP B 62 29.68 10.73 -13.74
N SER B 63 30.85 10.72 -13.14
CA SER B 63 32.04 10.16 -13.78
C SER B 63 32.11 8.65 -13.67
N VAL B 64 30.99 7.99 -13.34
CA VAL B 64 31.00 6.55 -13.11
C VAL B 64 29.97 5.83 -13.97
N LYS B 65 28.92 6.55 -14.40
CA LYS B 65 27.84 5.88 -15.10
C LYS B 65 28.33 5.31 -16.42
N GLY B 66 27.99 4.05 -16.68
CA GLY B 66 28.34 3.40 -17.93
C GLY B 66 29.70 2.74 -17.95
N ARG B 67 30.45 2.76 -16.84
CA ARG B 67 31.79 2.20 -16.79
C ARG B 67 31.99 1.17 -15.69
N PHE B 68 31.35 1.34 -14.53
CA PHE B 68 31.53 0.45 -13.39
C PHE B 68 30.18 -0.17 -13.05
N THR B 69 30.19 -1.42 -12.59
CA THR B 69 28.98 -2.10 -12.19
C THR B 69 29.11 -2.59 -10.75
N ILE B 70 27.97 -2.74 -10.08
CA ILE B 70 27.94 -3.11 -8.67
C ILE B 70 26.97 -4.27 -8.47
N SER B 71 27.23 -5.05 -7.43
CA SER B 71 26.40 -6.19 -7.08
C SER B 71 26.58 -6.48 -5.60
N ARG B 72 25.74 -7.35 -5.06
CA ARG B 72 25.85 -7.70 -3.65
C ARG B 72 25.38 -9.13 -3.45
N ASP B 73 25.97 -9.78 -2.46
CA ASP B 73 25.56 -11.12 -2.03
C ASP B 73 25.32 -11.04 -0.52
N ASN B 74 24.05 -10.90 -0.15
CA ASN B 74 23.69 -10.89 1.26
C ASN B 74 23.89 -12.25 1.92
N ALA B 75 23.88 -13.33 1.13
CA ALA B 75 24.20 -14.64 1.70
C ALA B 75 25.61 -14.65 2.27
N LYS B 76 26.56 -14.08 1.54
CA LYS B 76 27.92 -13.92 2.02
C LYS B 76 28.12 -12.62 2.80
N ASN B 77 27.08 -11.79 2.91
CA ASN B 77 27.18 -10.52 3.62
C ASN B 77 28.31 -9.67 3.06
N THR B 78 28.30 -9.53 1.73
CA THR B 78 29.42 -8.89 1.04
C THR B 78 28.90 -8.15 -0.19
N VAL B 79 29.69 -7.18 -0.65
CA VAL B 79 29.35 -6.39 -1.82
C VAL B 79 30.50 -6.42 -2.81
N TYR B 80 30.18 -6.42 -4.10
CA TYR B 80 31.15 -6.54 -5.19
C TYR B 80 31.05 -5.34 -6.11
N LEU B 81 32.21 -4.85 -6.54
CA LEU B 81 32.32 -3.94 -7.69
C LEU B 81 33.04 -4.66 -8.80
N GLN B 82 32.53 -4.53 -10.03
CA GLN B 82 33.24 -4.94 -11.22
C GLN B 82 33.59 -3.68 -11.99
N MET B 83 34.88 -3.38 -12.07
CA MET B 83 35.38 -2.20 -12.78
C MET B 83 36.02 -2.64 -14.08
N ASN B 84 35.59 -2.01 -15.17
CA ASN B 84 36.09 -2.32 -16.51
C ASN B 84 36.52 -1.02 -17.18
N SER B 85 37.52 -1.12 -18.05
CA SER B 85 38.08 0.04 -18.74
C SER B 85 38.52 1.08 -17.72
N LEU B 86 39.51 0.70 -16.91
CA LEU B 86 40.03 1.57 -15.87
C LEU B 86 40.92 2.64 -16.49
N LYS B 87 40.60 3.89 -16.24
CA LYS B 87 41.35 5.02 -16.75
C LYS B 87 42.34 5.53 -15.70
N PRO B 88 43.39 6.24 -16.11
CA PRO B 88 44.42 6.64 -15.13
C PRO B 88 43.89 7.56 -14.03
N GLU B 89 42.80 8.28 -14.26
CA GLU B 89 42.24 9.13 -13.22
C GLU B 89 41.49 8.33 -12.16
N ASP B 90 41.29 7.03 -12.36
CA ASP B 90 40.64 6.18 -11.37
C ASP B 90 41.56 5.84 -10.19
N THR B 91 42.84 6.18 -10.27
CA THR B 91 43.78 5.92 -9.18
C THR B 91 43.31 6.60 -7.90
N ALA B 92 43.07 5.81 -6.86
CA ALA B 92 42.59 6.35 -5.60
C ALA B 92 42.53 5.23 -4.57
N VAL B 93 42.47 5.63 -3.30
CA VAL B 93 42.26 4.67 -2.22
C VAL B 93 40.76 4.42 -2.11
N TYR B 94 40.37 3.16 -2.26
CA TYR B 94 38.97 2.77 -2.31
C TYR B 94 38.51 2.32 -0.93
N TYR B 95 37.33 2.78 -0.53
CA TYR B 95 36.82 2.58 0.83
C TYR B 95 35.34 2.19 0.78
N CYS B 96 34.93 1.40 1.77
CA CYS B 96 33.57 0.90 1.86
C CYS B 96 32.92 1.50 3.12
N ASN B 97 31.74 2.10 2.96
CA ASN B 97 31.10 2.82 4.05
C ASN B 97 29.65 2.42 4.20
N VAL B 98 29.22 2.23 5.45
CA VAL B 98 27.85 1.90 5.80
C VAL B 98 27.24 3.08 6.53
N LYS B 99 26.07 3.53 6.05
CA LYS B 99 25.37 4.68 6.64
C LYS B 99 24.18 4.15 7.43
N ASP B 100 24.43 3.80 8.69
CA ASP B 100 23.36 3.43 9.59
C ASP B 100 22.77 4.69 10.21
N ALA B 101 21.50 4.96 9.91
CA ALA B 101 20.86 6.18 10.40
C ALA B 101 20.85 6.23 11.92
N GLY B 102 20.95 5.09 12.59
CA GLY B 102 20.78 5.03 14.02
C GLY B 102 19.35 5.24 14.48
N TRP B 103 18.41 5.36 13.56
CA TRP B 103 17.03 5.66 13.88
C TRP B 103 16.94 6.91 14.75
N PHE B 104 17.85 7.85 14.48
CA PHE B 104 17.87 9.17 15.09
C PHE B 104 18.10 10.18 13.96
N TRP B 105 18.34 11.43 14.33
CA TRP B 105 18.53 12.49 13.36
C TRP B 105 19.96 12.63 12.86
N THR B 106 20.90 11.84 13.41
CA THR B 106 22.29 11.90 13.00
C THR B 106 22.73 10.51 12.55
N ASN B 107 23.55 10.46 11.52
CA ASN B 107 24.01 9.20 11.04
C ASN B 107 25.41 8.93 11.53
N TYR B 108 25.86 7.68 11.38
CA TYR B 108 27.21 7.28 11.75
C TYR B 108 27.87 6.61 10.56
N ASP B 109 29.12 6.99 10.30
CA ASP B 109 29.89 6.49 9.17
C ASP B 109 30.99 5.56 9.68
N TYR B 110 31.08 4.38 9.07
CA TYR B 110 32.14 3.44 9.37
C TYR B 110 32.86 3.07 8.07
N TRP B 111 34.16 3.31 8.04
CA TRP B 111 34.98 3.05 6.86
C TRP B 111 35.77 1.77 7.04
N GLY B 112 36.22 1.22 5.90
CA GLY B 112 37.00 -0.01 5.90
C GLY B 112 38.47 0.26 6.17
N GLN B 113 39.31 -0.65 5.70
CA GLN B 113 40.75 -0.51 5.87
C GLN B 113 41.41 0.21 4.71
N GLY B 114 40.80 0.18 3.53
CA GLY B 114 41.32 0.90 2.38
C GLY B 114 42.23 0.06 1.51
N THR B 115 41.90 -0.03 0.23
CA THR B 115 42.71 -0.75 -0.75
C THR B 115 43.17 0.22 -1.82
N GLN B 116 44.41 0.08 -2.26
CA GLN B 116 44.95 0.96 -3.29
C GLN B 116 44.83 0.30 -4.66
N VAL B 117 44.36 1.07 -5.63
CA VAL B 117 44.21 0.61 -7.01
C VAL B 117 45.00 1.55 -7.90
N THR B 118 45.78 0.97 -8.82
CA THR B 118 46.66 1.72 -9.70
C THR B 118 46.30 1.42 -11.14
N VAL B 119 46.27 2.47 -11.96
CA VAL B 119 45.95 2.37 -13.38
C VAL B 119 47.05 3.07 -14.16
N SER B 120 47.52 2.42 -15.23
CA SER B 120 48.57 2.99 -16.06
C SER B 120 48.01 3.45 -17.39
#